data_6KQB
#
_entry.id   6KQB
#
_cell.length_a   64.492
_cell.length_b   64.492
_cell.length_c   321.543
_cell.angle_alpha   90.000
_cell.angle_beta   90.000
_cell.angle_gamma   120.000
#
_symmetry.space_group_name_H-M   'P 32 2 1'
#
loop_
_entity.id
_entity.type
_entity.pdbx_description
1 polymer '3-hydroxybutyryl-CoA dehydrogenase'
2 water water
#
_entity_poly.entity_id   1
_entity_poly.type   'polypeptide(L)'
_entity_poly.pdbx_seq_one_letter_code
;MGSSHHHHHHDYDIPTTENLYFQGGGGGGMSEFTRFEQVAVLGTGVLGSQIIMQAAYHGKKVMAYDAVPAALEGIERRWA
WIRQGYEADLGEGYDPQRFDEAIARITPTSDLGEALADADIVIEAVPENLELKRKVWAQVGELAPATTLFATNTSSLLPS
DFADASGHPERFLALHYANRIWAQNTAEVMGTAATSPEAVAGALQFAEETGMVPVHVRKEIPGYFLNSLLIPWLQAGSKL
YMHGVGNPADIDRTWRVATGNERGPFQTYDIVGFHVAANVSRNTGVDWQLGFAELLEKSIAEGHSGVADGQGFYRYGPDG
ENLGPVEDWNLGDKDTPLG
;
_entity_poly.pdbx_strand_id   A,B
#
# COMPACT_ATOMS: atom_id res chain seq x y z
N MET A 30 -10.10 -42.29 -3.60
CA MET A 30 -10.81 -41.12 -3.05
C MET A 30 -10.96 -39.97 -4.08
N SER A 31 -11.46 -38.83 -3.62
CA SER A 31 -11.90 -37.73 -4.48
C SER A 31 -10.90 -36.61 -4.49
N GLU A 32 -10.56 -36.13 -5.69
CA GLU A 32 -9.64 -35.02 -5.82
C GLU A 32 -9.84 -34.35 -7.17
N PHE A 33 -10.25 -33.08 -7.11
CA PHE A 33 -10.62 -32.26 -8.26
C PHE A 33 -9.39 -31.83 -9.04
N THR A 34 -9.02 -32.61 -10.04
CA THR A 34 -7.76 -32.43 -10.73
C THR A 34 -7.95 -32.25 -12.24
N ARG A 35 -9.19 -32.07 -12.70
CA ARG A 35 -9.47 -31.80 -14.11
C ARG A 35 -10.49 -30.69 -14.26
N PHE A 36 -10.15 -29.69 -15.05
CA PHE A 36 -10.96 -28.49 -15.22
C PHE A 36 -11.02 -28.21 -16.72
N GLU A 37 -11.95 -28.88 -17.40
CA GLU A 37 -12.20 -28.63 -18.82
C GLU A 37 -13.46 -27.82 -19.07
N GLN A 38 -14.52 -28.06 -18.29
CA GLN A 38 -15.78 -27.34 -18.39
C GLN A 38 -15.95 -26.40 -17.21
N VAL A 39 -16.20 -25.13 -17.50
CA VAL A 39 -16.46 -24.12 -16.48
C VAL A 39 -17.89 -23.62 -16.61
N ALA A 40 -18.60 -23.51 -15.48
CA ALA A 40 -19.84 -22.75 -15.39
C ALA A 40 -19.60 -21.52 -14.53
N VAL A 41 -19.92 -20.34 -15.08
CA VAL A 41 -19.88 -19.08 -14.34
C VAL A 41 -21.30 -18.57 -14.24
N LEU A 42 -21.73 -18.29 -13.01
CA LEU A 42 -23.07 -17.85 -12.70
C LEU A 42 -23.06 -16.32 -12.59
N GLY A 43 -23.64 -15.65 -13.59
CA GLY A 43 -23.64 -14.19 -13.64
C GLY A 43 -22.73 -13.65 -14.72
N THR A 44 -23.26 -12.85 -15.63
CA THR A 44 -22.43 -12.28 -16.68
C THR A 44 -22.26 -10.77 -16.53
N GLY A 45 -22.15 -10.29 -15.28
CA GLY A 45 -21.93 -8.88 -15.00
C GLY A 45 -20.52 -8.45 -15.32
N VAL A 46 -20.09 -7.34 -14.69
CA VAL A 46 -18.74 -6.81 -14.91
C VAL A 46 -17.68 -7.87 -14.59
N LEU A 47 -17.66 -8.32 -13.33
CA LEU A 47 -16.63 -9.26 -12.90
C LEU A 47 -16.89 -10.65 -13.49
N GLY A 48 -18.15 -11.07 -13.52
CA GLY A 48 -18.46 -12.39 -14.04
C GLY A 48 -17.96 -12.57 -15.46
N SER A 49 -18.23 -11.59 -16.31
CA SER A 49 -17.80 -11.67 -17.69
C SER A 49 -16.28 -11.73 -17.77
N GLN A 50 -15.59 -11.04 -16.86
CA GLN A 50 -14.12 -11.08 -16.84
C GLN A 50 -13.62 -12.47 -16.49
N ILE A 51 -14.26 -13.10 -15.51
CA ILE A 51 -13.92 -14.46 -15.14
C ILE A 51 -14.21 -15.42 -16.28
N ILE A 52 -15.34 -15.23 -16.98
CA ILE A 52 -15.65 -16.07 -18.13
C ILE A 52 -14.54 -15.98 -19.19
N MET A 53 -14.12 -14.75 -19.52
CA MET A 53 -13.08 -14.60 -20.54
C MET A 53 -11.73 -15.12 -20.04
N GLN A 54 -11.44 -14.99 -18.75
CA GLN A 54 -10.16 -15.48 -18.25
C GLN A 54 -10.04 -16.98 -18.50
N ALA A 55 -11.11 -17.73 -18.20
CA ALA A 55 -11.08 -19.17 -18.40
C ALA A 55 -11.02 -19.54 -19.89
N ALA A 56 -11.90 -18.94 -20.71
CA ALA A 56 -11.96 -19.30 -22.13
C ALA A 56 -10.67 -18.93 -22.86
N TYR A 57 -10.06 -17.80 -22.50
CA TYR A 57 -8.77 -17.44 -23.08
C TYR A 57 -7.69 -18.45 -22.70
N HIS A 58 -7.92 -19.24 -21.66
CA HIS A 58 -6.98 -20.28 -21.27
C HIS A 58 -7.47 -21.67 -21.63
N GLY A 59 -8.25 -21.78 -22.72
CA GLY A 59 -8.51 -23.07 -23.33
C GLY A 59 -9.65 -23.87 -22.74
N LYS A 60 -10.50 -23.24 -21.93
CA LYS A 60 -11.56 -23.98 -21.24
C LYS A 60 -12.93 -23.61 -21.81
N LYS A 61 -13.75 -24.64 -22.01
CA LYS A 61 -15.14 -24.43 -22.35
C LYS A 61 -15.86 -23.77 -21.18
N VAL A 62 -16.62 -22.73 -21.46
CA VAL A 62 -17.32 -22.00 -20.40
C VAL A 62 -18.79 -21.89 -20.77
N MET A 63 -19.65 -22.32 -19.86
CA MET A 63 -21.06 -22.00 -19.88
C MET A 63 -21.26 -20.72 -19.08
N ALA A 64 -21.77 -19.70 -19.74
CA ALA A 64 -21.92 -18.37 -19.17
C ALA A 64 -23.40 -18.19 -18.85
N TYR A 65 -23.76 -18.47 -17.61
CA TYR A 65 -25.17 -18.57 -17.25
C TYR A 65 -25.69 -17.25 -16.69
N ASP A 66 -26.90 -16.89 -17.08
CA ASP A 66 -27.53 -15.70 -16.54
C ASP A 66 -29.03 -15.82 -16.66
N ALA A 67 -29.73 -15.48 -15.57
CA ALA A 67 -31.18 -15.45 -15.57
C ALA A 67 -31.74 -14.18 -16.24
N VAL A 68 -30.90 -13.21 -16.59
CA VAL A 68 -31.33 -11.93 -17.15
C VAL A 68 -31.15 -11.99 -18.67
N PRO A 69 -32.21 -12.10 -19.46
CA PRO A 69 -32.04 -12.26 -20.92
C PRO A 69 -31.27 -11.12 -21.58
N ALA A 70 -31.43 -9.88 -21.10
CA ALA A 70 -30.71 -8.75 -21.69
C ALA A 70 -29.20 -8.88 -21.48
N ALA A 71 -28.76 -9.39 -20.32
CA ALA A 71 -27.32 -9.58 -20.10
C ALA A 71 -26.75 -10.56 -21.12
N LEU A 72 -27.47 -11.66 -21.40
CA LEU A 72 -27.00 -12.64 -22.36
C LEU A 72 -26.99 -12.07 -23.78
N GLU A 73 -28.08 -11.40 -24.19
CA GLU A 73 -28.16 -10.87 -25.55
C GLU A 73 -27.14 -9.76 -25.79
N GLY A 74 -26.80 -8.98 -24.77
CA GLY A 74 -25.79 -7.95 -24.95
C GLY A 74 -24.41 -8.37 -24.51
N ILE A 75 -24.11 -9.68 -24.47
CA ILE A 75 -22.86 -10.13 -23.88
C ILE A 75 -21.65 -9.82 -24.77
N GLU A 76 -21.83 -9.66 -26.09
CA GLU A 76 -20.72 -9.29 -26.95
C GLU A 76 -20.14 -7.93 -26.56
N ARG A 77 -20.95 -7.06 -25.94
CA ARG A 77 -20.42 -5.79 -25.44
C ARG A 77 -19.25 -6.04 -24.49
N ARG A 78 -19.42 -7.01 -23.58
CA ARG A 78 -18.40 -7.27 -22.59
C ARG A 78 -17.14 -7.86 -23.22
N TRP A 79 -17.29 -8.74 -24.20
CA TRP A 79 -16.12 -9.26 -24.90
C TRP A 79 -15.32 -8.11 -25.51
N ALA A 80 -16.00 -7.12 -26.09
CA ALA A 80 -15.28 -6.03 -26.74
C ALA A 80 -14.65 -5.09 -25.72
N TRP A 81 -15.31 -4.87 -24.59
CA TRP A 81 -14.70 -4.11 -23.51
C TRP A 81 -13.52 -4.86 -22.90
N ILE A 82 -13.67 -6.18 -22.70
CA ILE A 82 -12.56 -6.98 -22.18
C ILE A 82 -11.41 -6.99 -23.20
N ARG A 83 -11.74 -7.07 -24.49
CA ARG A 83 -10.68 -7.12 -25.52
C ARG A 83 -9.79 -5.89 -25.45
N GLN A 84 -10.39 -4.70 -25.35
CA GLN A 84 -9.60 -3.49 -25.27
C GLN A 84 -8.66 -3.51 -24.07
N GLY A 85 -9.16 -3.97 -22.92
CA GLY A 85 -8.32 -4.05 -21.74
C GLY A 85 -7.18 -5.03 -21.89
N TYR A 86 -7.49 -6.23 -22.41
CA TYR A 86 -6.45 -7.21 -22.72
C TYR A 86 -5.35 -6.57 -23.54
N GLU A 87 -5.72 -5.92 -24.63
CA GLU A 87 -4.74 -5.35 -25.55
C GLU A 87 -3.93 -4.26 -24.89
N ALA A 88 -4.59 -3.39 -24.13
CA ALA A 88 -3.91 -2.27 -23.49
C ALA A 88 -2.94 -2.73 -22.40
N ASP A 89 -3.18 -3.90 -21.79
CA ASP A 89 -2.42 -4.32 -20.63
C ASP A 89 -1.59 -5.57 -20.87
N LEU A 90 -2.09 -6.53 -21.64
CA LEU A 90 -1.34 -7.77 -21.84
C LEU A 90 -0.16 -7.58 -22.77
N GLY A 91 -0.16 -6.50 -23.56
CA GLY A 91 0.81 -6.34 -24.63
C GLY A 91 0.93 -7.54 -25.54
N GLU A 92 2.09 -8.20 -25.50
CA GLU A 92 2.36 -9.36 -26.35
C GLU A 92 1.59 -10.60 -25.93
N GLY A 93 1.02 -10.63 -24.73
CA GLY A 93 0.19 -11.74 -24.33
C GLY A 93 -1.23 -11.68 -24.85
N TYR A 94 -1.56 -10.64 -25.60
CA TYR A 94 -2.87 -10.54 -26.24
C TYR A 94 -2.75 -11.01 -27.67
N ASP A 95 -3.50 -12.06 -28.03
CA ASP A 95 -3.55 -12.60 -29.39
C ASP A 95 -4.99 -12.52 -29.88
N PRO A 96 -5.28 -11.69 -30.88
CA PRO A 96 -6.68 -11.55 -31.33
C PRO A 96 -7.30 -12.85 -31.83
N GLN A 97 -6.50 -13.74 -32.41
CA GLN A 97 -7.04 -15.05 -32.79
C GLN A 97 -7.38 -15.87 -31.56
N ARG A 98 -6.53 -15.81 -30.54
CA ARG A 98 -6.82 -16.52 -29.30
C ARG A 98 -8.11 -16.00 -28.68
N PHE A 99 -8.27 -14.67 -28.65
CA PHE A 99 -9.48 -14.06 -28.11
C PHE A 99 -10.71 -14.56 -28.86
N ASP A 100 -10.60 -14.69 -30.18
CA ASP A 100 -11.71 -15.20 -31.00
C ASP A 100 -12.05 -16.64 -30.62
N GLU A 101 -11.03 -17.51 -30.54
CA GLU A 101 -11.27 -18.89 -30.13
C GLU A 101 -11.83 -18.96 -28.71
N ALA A 102 -11.40 -18.02 -27.85
CA ALA A 102 -11.98 -17.94 -26.51
C ALA A 102 -13.47 -17.60 -26.58
N ILE A 103 -13.83 -16.58 -27.38
CA ILE A 103 -15.24 -16.23 -27.54
C ILE A 103 -16.03 -17.42 -28.06
N ALA A 104 -15.46 -18.16 -29.02
CA ALA A 104 -16.16 -19.30 -29.60
C ALA A 104 -16.32 -20.45 -28.60
N ARG A 105 -15.52 -20.47 -27.53
CA ARG A 105 -15.61 -21.49 -26.48
C ARG A 105 -16.61 -21.13 -25.39
N ILE A 106 -17.17 -19.96 -25.45
CA ILE A 106 -18.13 -19.51 -24.45
C ILE A 106 -19.51 -19.81 -24.97
N THR A 107 -20.36 -20.34 -24.10
CA THR A 107 -21.75 -20.61 -24.44
C THR A 107 -22.67 -19.86 -23.49
N PRO A 108 -23.29 -18.77 -23.94
CA PRO A 108 -24.25 -18.06 -23.08
C PRO A 108 -25.54 -18.88 -22.99
N THR A 109 -26.05 -19.03 -21.78
CA THR A 109 -27.24 -19.86 -21.61
C THR A 109 -28.09 -19.35 -20.46
N SER A 110 -29.40 -19.58 -20.58
CA SER A 110 -30.31 -19.29 -19.48
C SER A 110 -30.82 -20.57 -18.82
N ASP A 111 -30.26 -21.74 -19.17
CA ASP A 111 -30.65 -23.01 -18.55
C ASP A 111 -29.54 -23.42 -17.60
N LEU A 112 -29.85 -23.31 -16.32
CA LEU A 112 -28.93 -23.68 -15.26
C LEU A 112 -28.51 -25.14 -15.39
N GLY A 113 -29.48 -26.01 -15.69
CA GLY A 113 -29.16 -27.43 -15.84
C GLY A 113 -28.15 -27.67 -16.95
N GLU A 114 -28.38 -27.05 -18.10
CA GLU A 114 -27.42 -27.12 -19.20
C GLU A 114 -26.07 -26.56 -18.77
N ALA A 115 -26.08 -25.44 -18.01
CA ALA A 115 -24.86 -24.80 -17.56
C ALA A 115 -24.01 -25.72 -16.70
N LEU A 116 -24.64 -26.45 -15.79
CA LEU A 116 -23.95 -27.28 -14.80
C LEU A 116 -23.67 -28.71 -15.28
N ALA A 117 -24.40 -29.19 -16.30
CA ALA A 117 -24.49 -30.63 -16.59
C ALA A 117 -23.13 -31.34 -16.59
N ASP A 118 -22.13 -30.75 -17.24
CA ASP A 118 -20.80 -31.34 -17.33
C ASP A 118 -19.73 -30.54 -16.57
N ALA A 119 -20.14 -29.73 -15.60
CA ALA A 119 -19.24 -28.74 -15.00
C ALA A 119 -18.24 -29.39 -14.05
N ASP A 120 -16.95 -29.11 -14.25
CA ASP A 120 -15.94 -29.47 -13.25
C ASP A 120 -15.86 -28.45 -12.12
N ILE A 121 -16.09 -27.17 -12.43
CA ILE A 121 -16.06 -26.11 -11.42
C ILE A 121 -17.19 -25.12 -11.74
N VAL A 122 -17.91 -24.71 -10.70
CA VAL A 122 -18.89 -23.64 -10.82
C VAL A 122 -18.37 -22.43 -10.05
N ILE A 123 -18.38 -21.27 -10.71
CA ILE A 123 -17.95 -20.01 -10.12
C ILE A 123 -19.16 -19.07 -10.11
N GLU A 124 -19.67 -18.79 -8.92
CA GLU A 124 -20.84 -17.93 -8.75
C GLU A 124 -20.40 -16.47 -8.57
N ALA A 125 -20.87 -15.60 -9.47
CA ALA A 125 -20.56 -14.18 -9.48
C ALA A 125 -21.83 -13.34 -9.48
N VAL A 126 -22.81 -13.68 -8.64
CA VAL A 126 -24.10 -12.98 -8.63
C VAL A 126 -24.09 -11.93 -7.53
N PRO A 127 -25.03 -10.98 -7.50
CA PRO A 127 -24.89 -9.83 -6.59
C PRO A 127 -24.80 -10.26 -5.13
N GLU A 128 -24.29 -9.34 -4.31
CA GLU A 128 -23.91 -9.68 -2.94
C GLU A 128 -25.12 -9.64 -2.00
N ASN A 129 -26.14 -10.43 -2.32
CA ASN A 129 -27.34 -10.51 -1.48
C ASN A 129 -27.42 -11.93 -0.94
N LEU A 130 -27.46 -12.04 0.38
CA LEU A 130 -27.34 -13.34 1.04
C LEU A 130 -28.47 -14.27 0.66
N GLU A 131 -29.70 -13.77 0.69
CA GLU A 131 -30.83 -14.60 0.31
C GLU A 131 -30.70 -15.07 -1.13
N LEU A 132 -30.31 -14.18 -2.06
CA LEU A 132 -30.11 -14.62 -3.43
C LEU A 132 -29.00 -15.65 -3.54
N LYS A 133 -27.88 -15.45 -2.82
CA LYS A 133 -26.83 -16.46 -2.77
C LYS A 133 -27.39 -17.82 -2.39
N ARG A 134 -28.11 -17.88 -1.26
CA ARG A 134 -28.61 -19.15 -0.76
C ARG A 134 -29.53 -19.81 -1.77
N LYS A 135 -30.41 -19.04 -2.41
CA LYS A 135 -31.32 -19.64 -3.39
C LYS A 135 -30.55 -20.20 -4.57
N VAL A 136 -29.63 -19.40 -5.13
CA VAL A 136 -28.87 -19.87 -6.29
C VAL A 136 -28.11 -21.14 -5.94
N TRP A 137 -27.51 -21.17 -4.75
CA TRP A 137 -26.65 -22.30 -4.40
C TRP A 137 -27.45 -23.54 -4.07
N ALA A 138 -28.68 -23.39 -3.59
CA ALA A 138 -29.59 -24.54 -3.48
C ALA A 138 -29.86 -25.18 -4.84
N GLN A 139 -30.12 -24.36 -5.86
CA GLN A 139 -30.36 -24.90 -7.20
C GLN A 139 -29.11 -25.58 -7.76
N VAL A 140 -27.94 -24.99 -7.51
CA VAL A 140 -26.68 -25.56 -7.98
C VAL A 140 -26.42 -26.90 -7.33
N GLY A 141 -26.64 -27.00 -6.02
CA GLY A 141 -26.35 -28.24 -5.32
C GLY A 141 -27.20 -29.40 -5.82
N GLU A 142 -28.45 -29.13 -6.20
CA GLU A 142 -29.34 -30.17 -6.70
C GLU A 142 -29.04 -30.53 -8.14
N LEU A 143 -28.59 -29.57 -8.95
CA LEU A 143 -28.45 -29.82 -10.38
C LEU A 143 -27.04 -30.24 -10.79
N ALA A 144 -26.01 -29.89 -10.01
CA ALA A 144 -24.64 -30.11 -10.44
C ALA A 144 -24.21 -31.56 -10.20
N PRO A 145 -23.26 -32.06 -11.00
CA PRO A 145 -22.64 -33.36 -10.69
C PRO A 145 -22.02 -33.37 -9.31
N ALA A 146 -22.04 -34.55 -8.69
CA ALA A 146 -21.46 -34.78 -7.38
C ALA A 146 -19.96 -34.52 -7.33
N THR A 147 -19.29 -34.42 -8.46
CA THR A 147 -17.84 -34.23 -8.50
C THR A 147 -17.45 -32.78 -8.79
N THR A 148 -18.42 -31.88 -8.91
CA THR A 148 -18.17 -30.50 -9.28
C THR A 148 -17.67 -29.71 -8.09
N LEU A 149 -16.63 -28.92 -8.29
CA LEU A 149 -16.12 -28.02 -7.27
C LEU A 149 -16.96 -26.74 -7.24
N PHE A 150 -17.38 -26.34 -6.04
CA PHE A 150 -18.22 -25.17 -5.82
C PHE A 150 -17.39 -23.98 -5.36
N ALA A 151 -17.43 -22.87 -6.11
CA ALA A 151 -16.71 -21.67 -5.71
C ALA A 151 -17.58 -20.42 -5.85
N THR A 152 -17.53 -19.58 -4.83
CA THR A 152 -18.13 -18.25 -4.87
C THR A 152 -17.04 -17.18 -4.93
N ASN A 153 -17.38 -16.05 -5.52
CA ASN A 153 -16.47 -14.92 -5.63
C ASN A 153 -16.85 -13.77 -4.69
N THR A 154 -17.58 -14.04 -3.62
CA THR A 154 -18.16 -12.96 -2.84
C THR A 154 -17.07 -12.08 -2.21
N SER A 155 -17.33 -10.77 -2.17
CA SER A 155 -16.44 -9.82 -1.52
C SER A 155 -17.00 -9.20 -0.26
N SER A 156 -18.30 -9.31 -0.02
CA SER A 156 -18.90 -8.60 1.09
C SER A 156 -19.64 -9.51 2.05
N LEU A 157 -19.67 -10.81 1.79
CA LEU A 157 -20.32 -11.78 2.65
C LEU A 157 -19.33 -12.88 2.99
N LEU A 158 -19.50 -13.48 4.14
CA LEU A 158 -18.69 -14.63 4.54
C LEU A 158 -19.15 -15.88 3.81
N PRO A 159 -18.26 -16.60 3.11
CA PRO A 159 -18.70 -17.82 2.40
C PRO A 159 -19.44 -18.83 3.28
N SER A 160 -19.03 -19.02 4.54
CA SER A 160 -19.76 -19.97 5.39
C SER A 160 -21.16 -19.51 5.75
N ASP A 161 -21.58 -18.29 5.40
CA ASP A 161 -22.94 -17.88 5.67
C ASP A 161 -23.94 -18.51 4.71
N PHE A 162 -23.47 -18.92 3.53
CA PHE A 162 -24.37 -19.53 2.56
C PHE A 162 -23.77 -20.81 1.97
N ALA A 163 -22.68 -21.32 2.53
CA ALA A 163 -22.10 -22.58 2.06
C ALA A 163 -23.08 -23.75 2.26
N ASP A 164 -23.74 -23.80 3.41
CA ASP A 164 -24.70 -24.86 3.69
C ASP A 164 -25.82 -24.92 2.65
N ALA A 165 -26.12 -23.80 1.99
CA ALA A 165 -27.21 -23.76 1.03
C ALA A 165 -26.91 -24.60 -0.20
N SER A 166 -25.64 -24.84 -0.50
CA SER A 166 -25.31 -25.72 -1.62
C SER A 166 -25.57 -27.18 -1.30
N GLY A 167 -25.77 -27.51 -0.01
CA GLY A 167 -25.90 -28.88 0.43
C GLY A 167 -24.59 -29.65 0.55
N HIS A 168 -23.46 -29.07 0.15
CA HIS A 168 -22.19 -29.80 0.04
C HIS A 168 -21.04 -28.90 0.48
N PRO A 169 -21.02 -28.50 1.75
CA PRO A 169 -20.03 -27.52 2.17
C PRO A 169 -18.60 -28.03 2.10
N GLU A 170 -18.40 -29.35 2.00
CA GLU A 170 -17.04 -29.89 1.95
C GLU A 170 -16.36 -29.63 0.61
N ARG A 171 -17.13 -29.37 -0.46
CA ARG A 171 -16.56 -29.00 -1.74
C ARG A 171 -16.90 -27.55 -2.10
N PHE A 172 -17.16 -26.73 -1.09
CA PHE A 172 -17.55 -25.33 -1.24
C PHE A 172 -16.45 -24.42 -0.68
N LEU A 173 -15.94 -23.51 -1.50
CA LEU A 173 -14.95 -22.54 -1.06
C LEU A 173 -15.16 -21.24 -1.80
N ALA A 174 -14.32 -20.26 -1.50
CA ALA A 174 -14.32 -18.99 -2.18
C ALA A 174 -13.07 -18.88 -3.04
N LEU A 175 -13.22 -18.27 -4.19
CA LEU A 175 -12.14 -18.04 -5.15
C LEU A 175 -12.30 -16.60 -5.57
N HIS A 176 -11.39 -15.74 -5.11
CA HIS A 176 -11.63 -14.30 -5.10
C HIS A 176 -10.69 -13.60 -6.06
N TYR A 177 -11.28 -12.78 -6.93
CA TYR A 177 -10.60 -12.00 -7.95
C TYR A 177 -10.49 -10.54 -7.52
N ALA A 178 -9.66 -9.80 -8.24
CA ALA A 178 -9.62 -8.35 -8.17
C ALA A 178 -10.38 -7.76 -9.37
N ASN A 179 -10.09 -6.51 -9.70
CA ASN A 179 -10.66 -5.88 -10.88
C ASN A 179 -9.67 -6.00 -12.03
N ARG A 180 -10.18 -5.94 -13.26
CA ARG A 180 -9.38 -6.05 -14.49
C ARG A 180 -8.43 -7.25 -14.42
N ILE A 181 -9.03 -8.43 -14.22
CA ILE A 181 -8.28 -9.58 -13.72
C ILE A 181 -7.21 -10.05 -14.70
N TRP A 182 -7.29 -9.68 -15.97
CA TRP A 182 -6.24 -10.08 -16.92
C TRP A 182 -4.90 -9.45 -16.55
N ALA A 183 -4.93 -8.23 -16.03
CA ALA A 183 -3.73 -7.55 -15.56
C ALA A 183 -3.51 -7.76 -14.07
N GLN A 184 -4.57 -7.65 -13.28
CA GLN A 184 -4.46 -7.87 -11.85
C GLN A 184 -4.88 -9.28 -11.52
N ASN A 185 -4.01 -10.21 -11.91
CA ASN A 185 -4.38 -11.62 -11.97
C ASN A 185 -4.08 -12.37 -10.68
N THR A 186 -4.56 -11.86 -9.54
CA THR A 186 -4.52 -12.60 -8.28
C THR A 186 -5.73 -13.51 -8.17
N ALA A 187 -5.55 -14.65 -7.52
CA ALA A 187 -6.67 -15.51 -7.16
C ALA A 187 -6.48 -15.97 -5.73
N GLU A 188 -7.40 -15.63 -4.85
CA GLU A 188 -7.32 -15.97 -3.44
C GLU A 188 -8.30 -17.10 -3.17
N VAL A 189 -7.78 -18.23 -2.71
CA VAL A 189 -8.58 -19.41 -2.42
C VAL A 189 -8.74 -19.48 -0.91
N MET A 190 -10.00 -19.40 -0.46
CA MET A 190 -10.35 -19.34 0.96
C MET A 190 -11.46 -20.35 1.25
N GLY A 191 -11.12 -21.43 1.91
CA GLY A 191 -12.12 -22.37 2.35
C GLY A 191 -12.80 -21.90 3.61
N THR A 192 -13.92 -22.55 3.91
CA THR A 192 -14.57 -22.44 5.20
C THR A 192 -13.96 -23.48 6.15
N ALA A 193 -14.55 -23.65 7.33
CA ALA A 193 -14.08 -24.69 8.23
C ALA A 193 -14.43 -26.08 7.73
N ALA A 194 -15.42 -26.20 6.86
CA ALA A 194 -15.80 -27.50 6.30
C ALA A 194 -15.11 -27.83 5.00
N THR A 195 -14.45 -26.87 4.34
CA THR A 195 -13.87 -27.14 3.03
C THR A 195 -12.76 -28.19 3.13
N SER A 196 -12.83 -29.20 2.28
CA SER A 196 -11.82 -30.24 2.27
C SER A 196 -10.55 -29.71 1.64
N PRO A 197 -9.38 -30.29 1.99
CA PRO A 197 -8.14 -29.84 1.35
C PRO A 197 -8.12 -30.08 -0.15
N GLU A 198 -8.74 -31.15 -0.61
CA GLU A 198 -8.70 -31.47 -2.03
C GLU A 198 -9.44 -30.41 -2.85
N ALA A 199 -10.51 -29.86 -2.28
CA ALA A 199 -11.20 -28.77 -2.96
C ALA A 199 -10.33 -27.51 -3.01
N VAL A 200 -9.60 -27.21 -1.93
CA VAL A 200 -8.67 -26.08 -1.96
C VAL A 200 -7.64 -26.31 -3.06
N ALA A 201 -7.08 -27.53 -3.12
CA ALA A 201 -6.05 -27.80 -4.12
C ALA A 201 -6.59 -27.61 -5.53
N GLY A 202 -7.83 -28.05 -5.77
CA GLY A 202 -8.43 -27.89 -7.08
C GLY A 202 -8.66 -26.44 -7.46
N ALA A 203 -9.18 -25.64 -6.52
CA ALA A 203 -9.34 -24.21 -6.77
C ALA A 203 -7.99 -23.56 -7.11
N LEU A 204 -6.94 -23.92 -6.37
CA LEU A 204 -5.61 -23.37 -6.67
C LEU A 204 -5.10 -23.86 -8.03
N GLN A 205 -5.38 -25.12 -8.38
CA GLN A 205 -4.93 -25.60 -9.68
C GLN A 205 -5.72 -24.93 -10.81
N PHE A 206 -7.02 -24.74 -10.60
CA PHE A 206 -7.83 -24.07 -11.62
C PHE A 206 -7.31 -22.66 -11.89
N ALA A 207 -6.99 -21.90 -10.82
CA ALA A 207 -6.41 -20.57 -11.01
C ALA A 207 -5.08 -20.65 -11.74
N GLU A 208 -4.26 -21.68 -11.45
CA GLU A 208 -2.97 -21.81 -12.10
C GLU A 208 -3.11 -22.02 -13.60
N GLU A 209 -4.09 -22.83 -14.01
CA GLU A 209 -4.41 -23.14 -15.39
C GLU A 209 -5.17 -22.04 -16.12
N THR A 210 -5.59 -20.99 -15.43
CA THR A 210 -6.29 -19.88 -16.08
C THR A 210 -5.49 -18.57 -15.97
N GLY A 211 -4.18 -18.68 -15.78
CA GLY A 211 -3.29 -17.53 -15.88
C GLY A 211 -3.22 -16.63 -14.66
N MET A 212 -3.63 -17.12 -13.49
CA MET A 212 -3.66 -16.34 -12.26
C MET A 212 -2.38 -16.58 -11.43
N VAL A 213 -2.19 -15.77 -10.39
CA VAL A 213 -1.20 -16.02 -9.35
C VAL A 213 -2.00 -16.53 -8.15
N PRO A 214 -1.99 -17.84 -7.85
CA PRO A 214 -2.91 -18.37 -6.82
C PRO A 214 -2.31 -18.32 -5.44
N VAL A 215 -3.06 -17.88 -4.46
CA VAL A 215 -2.63 -17.94 -3.07
C VAL A 215 -3.74 -18.58 -2.25
N HIS A 216 -3.34 -19.26 -1.17
CA HIS A 216 -4.26 -19.89 -0.25
C HIS A 216 -4.42 -18.98 0.97
N VAL A 217 -5.66 -18.56 1.22
CA VAL A 217 -6.04 -17.82 2.43
C VAL A 217 -6.44 -18.87 3.46
N ARG A 218 -5.58 -19.13 4.44
CA ARG A 218 -5.67 -20.38 5.19
C ARG A 218 -6.78 -20.39 6.21
N LYS A 219 -7.41 -19.25 6.46
CA LYS A 219 -8.48 -19.14 7.43
C LYS A 219 -9.53 -18.22 6.84
N GLU A 220 -10.80 -18.55 7.05
CA GLU A 220 -11.88 -17.75 6.49
C GLU A 220 -11.94 -16.40 7.20
N ILE A 221 -11.70 -15.32 6.45
CA ILE A 221 -11.76 -13.95 6.95
C ILE A 221 -12.48 -13.12 5.91
N PRO A 222 -13.07 -11.98 6.31
CA PRO A 222 -13.90 -11.23 5.36
C PRO A 222 -13.11 -10.61 4.22
N GLY A 223 -11.88 -10.17 4.47
CA GLY A 223 -11.15 -9.43 3.47
C GLY A 223 -10.08 -10.17 2.68
N TYR A 224 -9.96 -11.48 2.83
CA TYR A 224 -8.91 -12.25 2.11
C TYR A 224 -7.55 -11.62 2.44
N PHE A 225 -6.61 -11.60 1.51
CA PHE A 225 -5.42 -10.77 1.65
C PHE A 225 -5.69 -9.39 1.08
N LEU A 226 -6.19 -9.34 -0.14
CA LEU A 226 -6.19 -8.08 -0.88
C LEU A 226 -7.04 -7.03 -0.16
N ASN A 227 -8.30 -7.35 0.06
CA ASN A 227 -9.20 -6.37 0.65
C ASN A 227 -8.82 -6.07 2.09
N SER A 228 -8.24 -7.05 2.80
CA SER A 228 -7.74 -6.80 4.16
C SER A 228 -6.72 -5.67 4.17
N LEU A 229 -5.84 -5.62 3.17
CA LEU A 229 -4.85 -4.55 3.07
C LEU A 229 -5.40 -3.30 2.42
N LEU A 230 -6.29 -3.48 1.44
CA LEU A 230 -6.76 -2.38 0.60
C LEU A 230 -7.71 -1.45 1.35
N ILE A 231 -8.68 -2.02 2.07
CA ILE A 231 -9.73 -1.19 2.68
C ILE A 231 -9.17 -0.18 3.67
N PRO A 232 -8.37 -0.56 4.69
CA PRO A 232 -7.82 0.47 5.58
C PRO A 232 -6.89 1.45 4.88
N TRP A 233 -6.16 0.98 3.87
CA TRP A 233 -5.28 1.85 3.10
C TRP A 233 -6.07 2.93 2.38
N LEU A 234 -7.03 2.52 1.56
CA LEU A 234 -7.86 3.48 0.84
C LEU A 234 -8.65 4.37 1.77
N GLN A 235 -9.13 3.81 2.89
CA GLN A 235 -9.84 4.62 3.87
C GLN A 235 -8.97 5.77 4.35
N ALA A 236 -7.75 5.46 4.78
CA ALA A 236 -6.86 6.50 5.27
C ALA A 236 -6.54 7.50 4.17
N GLY A 237 -6.32 7.00 2.94
CA GLY A 237 -6.13 7.86 1.78
C GLY A 237 -7.22 8.90 1.60
N SER A 238 -8.48 8.44 1.48
CA SER A 238 -9.57 9.37 1.25
C SER A 238 -9.87 10.23 2.47
N LYS A 239 -9.55 9.75 3.68
CA LYS A 239 -9.77 10.55 4.87
C LYS A 239 -8.82 11.75 4.92
N LEU A 240 -7.58 11.57 4.47
CA LEU A 240 -6.64 12.68 4.36
C LEU A 240 -7.19 13.73 3.41
N TYR A 241 -7.67 13.29 2.25
CA TYR A 241 -8.14 14.22 1.24
C TYR A 241 -9.43 14.92 1.69
N MET A 242 -10.41 14.15 2.19
CA MET A 242 -11.70 14.73 2.59
C MET A 242 -11.57 15.71 3.76
N HIS A 243 -10.58 15.54 4.63
CA HIS A 243 -10.38 16.50 5.71
C HIS A 243 -9.47 17.65 5.30
N GLY A 244 -9.14 17.76 4.03
CA GLY A 244 -8.32 18.87 3.56
C GLY A 244 -6.86 18.78 3.93
N VAL A 245 -6.33 17.58 4.18
CA VAL A 245 -4.93 17.50 4.57
C VAL A 245 -4.00 17.49 3.35
N GLY A 246 -4.48 16.99 2.21
CA GLY A 246 -3.66 17.01 1.01
C GLY A 246 -4.46 16.71 -0.23
N ASN A 247 -3.83 16.97 -1.37
CA ASN A 247 -4.41 16.70 -2.67
C ASN A 247 -4.18 15.25 -3.06
N PRO A 248 -5.00 14.71 -3.97
CA PRO A 248 -4.83 13.28 -4.31
C PRO A 248 -3.43 12.97 -4.78
N ALA A 249 -2.90 13.81 -5.66
CA ALA A 249 -1.55 13.64 -6.18
C ALA A 249 -0.49 13.72 -5.08
N ASP A 250 -0.66 14.59 -4.07
CA ASP A 250 0.33 14.63 -3.00
C ASP A 250 0.36 13.32 -2.20
N ILE A 251 -0.81 12.75 -1.96
CA ILE A 251 -0.91 11.56 -1.12
C ILE A 251 -0.32 10.35 -1.86
N ASP A 252 -0.68 10.20 -3.15
CA ASP A 252 -0.13 9.13 -3.99
C ASP A 252 1.38 9.28 -4.16
N ARG A 253 1.83 10.49 -4.52
CA ARG A 253 3.26 10.72 -4.69
C ARG A 253 4.05 10.35 -3.43
N THR A 254 3.60 10.86 -2.27
CA THR A 254 4.26 10.49 -1.01
C THR A 254 4.33 8.98 -0.86
N TRP A 255 3.22 8.29 -1.14
CA TRP A 255 3.22 6.84 -1.01
C TRP A 255 4.20 6.20 -1.98
N ARG A 256 4.22 6.65 -3.23
CA ARG A 256 5.09 6.04 -4.23
C ARG A 256 6.55 6.18 -3.86
N VAL A 257 6.99 7.41 -3.56
CA VAL A 257 8.42 7.66 -3.33
C VAL A 257 8.89 6.97 -2.06
N ALA A 258 8.10 7.06 -0.99
CA ALA A 258 8.57 6.59 0.31
C ALA A 258 8.57 5.08 0.38
N THR A 259 7.65 4.44 -0.31
CA THR A 259 7.49 3.01 -0.20
C THR A 259 8.03 2.28 -1.43
N GLY A 260 8.56 3.00 -2.42
CA GLY A 260 9.09 2.35 -3.61
C GLY A 260 8.05 1.72 -4.52
N ASN A 261 6.83 2.25 -4.54
CA ASN A 261 5.72 1.66 -5.28
C ASN A 261 5.30 2.60 -6.41
N GLU A 262 4.49 2.06 -7.33
CA GLU A 262 4.08 2.82 -8.51
C GLU A 262 2.65 3.33 -8.44
N ARG A 263 1.83 2.87 -7.51
CA ARG A 263 0.42 3.24 -7.50
C ARG A 263 0.00 3.59 -6.09
N GLY A 264 -0.43 4.84 -5.89
CA GLY A 264 -0.98 5.27 -4.62
C GLY A 264 -2.46 4.97 -4.50
N PRO A 265 -3.05 5.42 -3.40
CA PRO A 265 -4.47 5.13 -3.16
C PRO A 265 -5.41 5.66 -4.23
N PHE A 266 -5.10 6.81 -4.83
CA PHE A 266 -6.00 7.41 -5.79
C PHE A 266 -5.80 6.89 -7.20
N GLN A 267 -4.56 6.52 -7.56
CA GLN A 267 -4.38 5.70 -8.76
C GLN A 267 -5.15 4.40 -8.64
N THR A 268 -5.28 3.88 -7.40
CA THR A 268 -5.97 2.62 -7.17
C THR A 268 -7.48 2.81 -7.24
N TYR A 269 -7.98 3.89 -6.65
CA TYR A 269 -9.40 4.20 -6.84
C TYR A 269 -9.74 4.23 -8.32
N ASP A 270 -8.90 4.86 -9.15
CA ASP A 270 -9.19 4.92 -10.59
C ASP A 270 -9.32 3.51 -11.19
N ILE A 271 -8.56 2.54 -10.68
CA ILE A 271 -8.61 1.19 -11.23
C ILE A 271 -9.79 0.42 -10.67
N VAL A 272 -10.00 0.50 -9.36
CA VAL A 272 -11.16 -0.14 -8.74
C VAL A 272 -12.45 0.40 -9.34
N GLY A 273 -12.45 1.67 -9.75
CA GLY A 273 -13.61 2.29 -10.36
C GLY A 273 -14.48 2.98 -9.34
N PHE A 274 -15.05 4.12 -9.74
CA PHE A 274 -15.79 4.96 -8.79
C PHE A 274 -17.09 4.32 -8.34
N HIS A 275 -17.65 3.40 -9.13
CA HIS A 275 -18.93 2.77 -8.77
C HIS A 275 -18.79 1.93 -7.51
N VAL A 276 -17.79 1.02 -7.51
CA VAL A 276 -17.50 0.24 -6.32
C VAL A 276 -17.06 1.14 -5.19
N ALA A 277 -16.17 2.10 -5.49
CA ALA A 277 -15.62 2.96 -4.45
C ALA A 277 -16.72 3.72 -3.75
N ALA A 278 -17.65 4.31 -4.51
CA ALA A 278 -18.72 5.06 -3.85
C ALA A 278 -19.59 4.15 -3.00
N ASN A 279 -19.81 2.91 -3.45
CA ASN A 279 -20.64 2.00 -2.67
C ASN A 279 -19.97 1.66 -1.33
N VAL A 280 -18.69 1.28 -1.35
CA VAL A 280 -18.08 0.89 -0.10
C VAL A 280 -18.00 2.07 0.85
N SER A 281 -17.83 3.29 0.30
CA SER A 281 -17.80 4.49 1.12
C SER A 281 -19.17 4.79 1.74
N ARG A 282 -20.26 4.61 0.96
CA ARG A 282 -21.61 4.76 1.53
C ARG A 282 -21.91 3.66 2.55
N ASN A 283 -21.39 2.45 2.32
CA ASN A 283 -21.74 1.34 3.19
C ASN A 283 -21.27 1.55 4.63
N THR A 284 -20.23 2.38 4.83
CA THR A 284 -19.74 2.55 6.20
C THR A 284 -20.73 3.32 7.06
N GLY A 285 -21.50 4.22 6.47
CA GLY A 285 -22.35 5.10 7.26
C GLY A 285 -21.67 6.31 7.86
N VAL A 286 -20.38 6.53 7.57
CA VAL A 286 -19.60 7.64 8.11
C VAL A 286 -19.77 8.88 7.24
N ASP A 287 -20.05 10.03 7.89
CA ASP A 287 -20.44 11.24 7.18
C ASP A 287 -19.40 11.65 6.14
N TRP A 288 -18.12 11.67 6.52
CA TRP A 288 -17.10 12.13 5.57
C TRP A 288 -16.96 11.14 4.42
N GLN A 289 -17.19 9.85 4.66
CA GLN A 289 -17.16 8.88 3.56
C GLN A 289 -18.35 9.04 2.65
N LEU A 290 -19.49 9.48 3.20
CA LEU A 290 -20.64 9.86 2.39
C LEU A 290 -20.28 11.03 1.47
N GLY A 291 -19.64 12.05 2.03
CA GLY A 291 -19.22 13.18 1.21
C GLY A 291 -18.27 12.75 0.09
N PHE A 292 -17.32 11.86 0.41
CA PHE A 292 -16.41 11.35 -0.61
C PHE A 292 -17.17 10.63 -1.71
N ALA A 293 -18.10 9.74 -1.32
CA ALA A 293 -18.96 9.07 -2.30
C ALA A 293 -19.71 10.07 -3.18
N GLU A 294 -20.23 11.14 -2.57
CA GLU A 294 -20.98 12.13 -3.34
C GLU A 294 -20.10 12.83 -4.36
N LEU A 295 -18.81 13.02 -4.04
CA LEU A 295 -17.87 13.55 -5.01
C LEU A 295 -17.56 12.51 -6.11
N LEU A 296 -17.27 11.27 -5.73
CA LEU A 296 -17.10 10.23 -6.75
C LEU A 296 -18.30 10.17 -7.70
N GLU A 297 -19.52 10.32 -7.14
CA GLU A 297 -20.72 10.18 -7.96
C GLU A 297 -20.91 11.36 -8.89
N LYS A 298 -20.58 12.58 -8.42
CA LYS A 298 -20.56 13.74 -9.31
C LYS A 298 -19.64 13.49 -10.51
N SER A 299 -18.49 12.88 -10.26
CA SER A 299 -17.52 12.64 -11.32
C SER A 299 -17.99 11.55 -12.27
N ILE A 300 -18.65 10.52 -11.73
CA ILE A 300 -19.31 9.53 -12.58
C ILE A 300 -20.27 10.20 -13.54
N ALA A 301 -21.04 11.16 -13.04
CA ALA A 301 -22.04 11.85 -13.86
C ALA A 301 -21.39 12.60 -15.02
N GLU A 302 -20.12 12.98 -14.89
CA GLU A 302 -19.42 13.70 -15.95
C GLU A 302 -18.66 12.77 -16.89
N GLY A 303 -18.81 11.47 -16.74
CA GLY A 303 -18.07 10.53 -17.58
C GLY A 303 -16.68 10.19 -17.11
N HIS A 304 -16.36 10.42 -15.83
CA HIS A 304 -15.04 10.17 -15.26
C HIS A 304 -15.21 9.25 -14.05
N SER A 305 -15.28 7.95 -14.31
CA SER A 305 -15.43 6.97 -13.25
C SER A 305 -14.13 6.23 -12.94
N GLY A 306 -13.02 6.56 -13.63
CA GLY A 306 -11.76 5.88 -13.43
C GLY A 306 -11.12 5.53 -14.75
N VAL A 307 -10.28 4.49 -14.72
CA VAL A 307 -9.46 4.18 -15.89
C VAL A 307 -10.34 3.73 -17.06
N ALA A 308 -11.42 2.98 -16.76
CA ALA A 308 -12.28 2.50 -17.83
C ALA A 308 -12.81 3.64 -18.69
N ASP A 309 -12.95 4.83 -18.12
CA ASP A 309 -13.38 6.04 -18.83
C ASP A 309 -12.21 6.87 -19.35
N GLY A 310 -10.98 6.50 -19.03
CA GLY A 310 -9.86 7.36 -19.35
C GLY A 310 -9.64 8.52 -18.40
N GLN A 311 -10.47 8.67 -17.35
CA GLN A 311 -10.27 9.75 -16.41
C GLN A 311 -10.98 9.44 -15.10
N GLY A 312 -10.32 9.76 -13.99
CA GLY A 312 -10.97 9.78 -12.69
C GLY A 312 -10.26 10.76 -11.79
N PHE A 313 -9.34 10.25 -10.96
CA PHE A 313 -8.44 11.13 -10.25
C PHE A 313 -7.30 11.57 -11.15
N TYR A 314 -6.96 10.74 -12.13
CA TYR A 314 -5.93 11.05 -13.11
C TYR A 314 -6.52 10.93 -14.51
N ARG A 315 -5.86 11.57 -15.47
CA ARG A 315 -6.18 11.40 -16.87
C ARG A 315 -5.34 10.28 -17.47
N TYR A 316 -5.95 9.52 -18.38
CA TYR A 316 -5.30 8.36 -18.98
C TYR A 316 -5.44 8.43 -20.49
N GLY A 317 -4.57 7.68 -21.17
CA GLY A 317 -4.64 7.56 -22.61
C GLY A 317 -5.41 6.33 -23.04
N PRO A 318 -5.34 6.02 -24.35
CA PRO A 318 -5.96 4.77 -24.84
C PRO A 318 -5.21 3.53 -24.37
N ASP A 319 -3.95 3.68 -24.05
CA ASP A 319 -3.10 2.59 -23.59
C ASP A 319 -3.15 2.42 -22.09
N GLY A 320 -3.90 3.27 -21.39
CA GLY A 320 -3.88 3.31 -19.96
C GLY A 320 -2.76 4.12 -19.34
N GLU A 321 -2.02 4.91 -20.11
CA GLU A 321 -0.91 5.68 -19.56
C GLU A 321 -1.45 6.80 -18.68
N ASN A 322 -0.73 7.08 -17.60
CA ASN A 322 -1.08 8.19 -16.72
C ASN A 322 -0.53 9.48 -17.31
N LEU A 323 -1.43 10.41 -17.64
CA LEU A 323 -1.06 11.70 -18.23
C LEU A 323 -1.06 12.85 -17.23
N GLY A 324 -1.21 12.57 -15.93
CA GLY A 324 -1.20 13.61 -14.93
C GLY A 324 -2.47 13.65 -14.10
N PRO A 325 -2.39 14.27 -12.93
CA PRO A 325 -3.57 14.43 -12.09
C PRO A 325 -4.56 15.38 -12.74
N VAL A 326 -5.83 15.21 -12.39
CA VAL A 326 -6.82 16.16 -12.88
C VAL A 326 -7.02 17.20 -11.78
N GLU A 327 -6.94 18.49 -12.15
CA GLU A 327 -6.76 19.59 -11.20
C GLU A 327 -8.02 19.90 -10.42
N ASP A 328 -9.17 19.41 -10.90
CA ASP A 328 -10.44 19.78 -10.31
C ASP A 328 -10.58 19.25 -8.89
N TRP A 329 -9.96 18.10 -8.57
CA TRP A 329 -10.02 17.61 -7.19
C TRP A 329 -9.19 18.44 -6.23
N ASN A 330 -8.24 19.23 -6.74
CA ASN A 330 -7.28 19.89 -5.86
C ASN A 330 -7.98 20.91 -4.95
N LEU A 331 -7.46 21.03 -3.73
CA LEU A 331 -8.10 21.87 -2.74
C LEU A 331 -7.98 23.36 -3.07
N GLY A 332 -6.92 23.76 -3.75
CA GLY A 332 -6.70 25.19 -3.94
C GLY A 332 -6.57 25.83 -2.57
N ASP A 333 -7.41 26.83 -2.29
CA ASP A 333 -7.37 27.52 -1.01
C ASP A 333 -8.47 27.09 -0.06
N LYS A 334 -9.29 26.10 -0.44
CA LYS A 334 -10.40 25.65 0.38
C LYS A 334 -9.93 24.80 1.55
N ASP A 335 -10.69 24.86 2.66
CA ASP A 335 -10.36 24.09 3.85
C ASP A 335 -10.47 22.59 3.60
N THR A 336 -11.56 22.15 2.92
CA THR A 336 -11.81 20.74 2.60
C THR A 336 -12.36 20.64 1.17
N PRO A 337 -12.48 19.44 0.58
CA PRO A 337 -13.09 19.36 -0.76
C PRO A 337 -14.55 19.80 -0.79
N LEU A 338 -15.24 19.88 0.34
CA LEU A 338 -16.61 20.36 0.32
C LEU A 338 -16.72 21.86 0.56
N GLY A 339 -15.77 22.45 1.29
CA GLY A 339 -15.81 23.86 1.60
C GLY A 339 -14.54 24.59 1.21
N MET B 30 9.12 42.47 4.87
CA MET B 30 8.73 41.28 5.62
C MET B 30 9.89 40.28 5.71
N SER B 31 9.61 39.11 6.29
CA SER B 31 10.57 38.05 6.61
C SER B 31 10.21 36.74 5.94
N GLU B 32 11.19 36.14 5.27
CA GLU B 32 10.89 34.94 4.51
C GLU B 32 12.17 34.17 4.27
N PHE B 33 12.20 32.94 4.80
CA PHE B 33 13.28 31.98 4.79
C PHE B 33 13.61 31.42 3.43
N THR B 34 14.54 32.06 2.71
CA THR B 34 14.82 31.69 1.34
C THR B 34 16.27 31.30 1.13
N ARG B 35 17.06 31.29 2.21
CA ARG B 35 18.50 31.04 2.15
C ARG B 35 18.82 29.90 3.10
N PHE B 36 19.42 28.84 2.57
CA PHE B 36 19.71 27.65 3.36
C PHE B 36 21.12 27.20 3.01
N GLU B 37 22.10 27.92 3.56
CA GLU B 37 23.49 27.53 3.38
C GLU B 37 24.06 26.83 4.61
N GLN B 38 23.62 27.21 5.79
CA GLN B 38 24.05 26.61 7.04
C GLN B 38 22.90 25.83 7.66
N VAL B 39 23.14 24.57 7.97
CA VAL B 39 22.16 23.68 8.57
C VAL B 39 22.69 23.19 9.91
N ALA B 40 21.82 23.19 10.92
CA ALA B 40 22.07 22.50 12.19
C ALA B 40 21.14 21.30 12.31
N VAL B 41 21.70 20.12 12.60
CA VAL B 41 20.93 18.93 12.87
C VAL B 41 21.26 18.45 14.28
N LEU B 42 20.21 18.28 15.09
CA LEU B 42 20.36 17.93 16.50
C LEU B 42 20.18 16.43 16.65
N GLY B 43 21.27 15.74 16.93
CA GLY B 43 21.22 14.30 17.14
C GLY B 43 21.81 13.64 15.92
N THR B 44 22.68 12.65 16.15
CA THR B 44 23.46 12.03 15.10
C THR B 44 23.19 10.53 14.99
N GLY B 45 21.97 10.11 15.36
CA GLY B 45 21.60 8.71 15.27
C GLY B 45 21.42 8.19 13.86
N VAL B 46 20.62 7.13 13.73
CA VAL B 46 20.45 6.51 12.42
C VAL B 46 19.71 7.45 11.47
N LEU B 47 18.70 8.15 11.97
CA LEU B 47 18.00 9.13 11.14
C LEU B 47 18.77 10.44 11.07
N GLY B 48 19.18 10.98 12.22
CA GLY B 48 20.00 12.16 12.26
C GLY B 48 21.11 12.16 11.21
N SER B 49 21.93 11.11 11.22
CA SER B 49 23.08 11.07 10.31
C SER B 49 22.64 11.04 8.85
N GLN B 50 21.56 10.32 8.54
CA GLN B 50 21.04 10.33 7.17
C GLN B 50 20.65 11.74 6.75
N ILE B 51 19.97 12.46 7.65
CA ILE B 51 19.56 13.83 7.38
C ILE B 51 20.78 14.72 7.17
N ILE B 52 21.78 14.58 8.05
CA ILE B 52 23.03 15.34 7.93
C ILE B 52 23.66 15.09 6.57
N MET B 53 23.86 13.82 6.23
CA MET B 53 24.51 13.49 4.96
C MET B 53 23.69 14.01 3.78
N GLN B 54 22.36 13.94 3.90
CA GLN B 54 21.52 14.39 2.78
C GLN B 54 21.75 15.86 2.50
N ALA B 55 21.77 16.68 3.54
CA ALA B 55 22.05 18.10 3.36
C ALA B 55 23.50 18.30 2.91
N ALA B 56 24.47 17.63 3.54
CA ALA B 56 25.87 17.79 3.14
C ALA B 56 26.10 17.33 1.71
N TYR B 57 25.50 16.18 1.35
CA TYR B 57 25.68 15.67 0.00
C TYR B 57 25.08 16.59 -1.06
N HIS B 58 24.28 17.57 -0.64
CA HIS B 58 23.76 18.59 -1.54
C HIS B 58 24.43 19.95 -1.34
N GLY B 59 25.68 19.95 -0.85
CA GLY B 59 26.49 21.14 -0.85
C GLY B 59 26.08 22.18 0.17
N LYS B 60 25.71 21.71 1.35
CA LYS B 60 25.29 22.59 2.45
C LYS B 60 26.14 22.24 3.66
N LYS B 61 26.71 23.28 4.28
CA LYS B 61 27.48 23.08 5.51
C LYS B 61 26.55 22.64 6.62
N VAL B 62 27.00 21.69 7.43
CA VAL B 62 26.14 21.07 8.44
C VAL B 62 26.88 21.04 9.77
N MET B 63 26.23 21.53 10.82
CA MET B 63 26.70 21.33 12.19
C MET B 63 26.01 20.08 12.72
N ALA B 64 26.76 19.00 12.86
CA ALA B 64 26.21 17.75 13.36
C ALA B 64 26.31 17.77 14.89
N TYR B 65 25.24 18.19 15.55
CA TYR B 65 25.27 18.35 17.00
C TYR B 65 24.80 17.09 17.70
N ASP B 66 25.52 16.71 18.75
CA ASP B 66 25.08 15.68 19.66
C ASP B 66 25.63 16.00 21.04
N ALA B 67 24.82 15.74 22.06
CA ALA B 67 25.21 15.97 23.44
C ALA B 67 26.14 14.89 23.99
N VAL B 68 26.14 13.69 23.41
CA VAL B 68 26.93 12.58 23.92
C VAL B 68 28.24 12.53 23.13
N PRO B 69 29.40 12.75 23.78
CA PRO B 69 30.67 12.72 23.04
C PRO B 69 30.97 11.41 22.35
N ALA B 70 30.60 10.28 22.95
CA ALA B 70 30.84 8.98 22.32
C ALA B 70 30.16 8.92 20.96
N ALA B 71 28.90 9.38 20.87
CA ALA B 71 28.22 9.37 19.56
C ALA B 71 29.01 10.16 18.52
N LEU B 72 29.51 11.35 18.90
CA LEU B 72 30.34 12.10 17.97
C LEU B 72 31.56 11.31 17.54
N GLU B 73 32.23 10.67 18.49
CA GLU B 73 33.52 10.05 18.22
C GLU B 73 33.41 8.96 17.16
N GLY B 74 32.34 8.19 17.18
CA GLY B 74 32.20 7.10 16.22
C GLY B 74 31.28 7.42 15.07
N ILE B 75 31.19 8.70 14.71
CA ILE B 75 30.29 9.12 13.63
C ILE B 75 30.80 8.67 12.26
N GLU B 76 32.11 8.41 12.11
CA GLU B 76 32.61 7.88 10.84
C GLU B 76 31.96 6.57 10.49
N ARG B 77 31.58 5.79 11.49
CA ARG B 77 30.83 4.56 11.26
C ARG B 77 29.59 4.83 10.42
N ARG B 78 28.87 5.91 10.72
CA ARG B 78 27.61 6.15 10.05
C ARG B 78 27.82 6.70 8.65
N TRP B 79 28.88 7.47 8.40
CA TRP B 79 29.14 7.89 7.02
C TRP B 79 29.43 6.69 6.12
N ALA B 80 30.08 5.66 6.67
CA ALA B 80 30.42 4.51 5.85
C ALA B 80 29.18 3.69 5.53
N TRP B 81 28.29 3.54 6.51
CA TRP B 81 27.04 2.81 6.31
C TRP B 81 26.13 3.51 5.31
N ILE B 82 25.94 4.83 5.47
CA ILE B 82 25.13 5.59 4.52
C ILE B 82 25.75 5.50 3.12
N ARG B 83 27.09 5.57 3.07
CA ARG B 83 27.87 5.45 1.84
C ARG B 83 27.55 4.16 1.10
N GLN B 84 27.47 3.04 1.82
CA GLN B 84 27.08 1.77 1.24
C GLN B 84 25.61 1.71 0.88
N GLY B 85 24.76 2.39 1.66
CA GLY B 85 23.38 2.56 1.24
C GLY B 85 23.27 3.38 -0.04
N TYR B 86 23.98 4.50 -0.09
CA TYR B 86 23.93 5.39 -1.26
C TYR B 86 24.30 4.63 -2.53
N GLU B 87 25.53 4.10 -2.55
CA GLU B 87 26.01 3.39 -3.71
C GLU B 87 25.05 2.29 -4.16
N ALA B 88 24.55 1.46 -3.23
CA ALA B 88 23.65 0.36 -3.63
C ALA B 88 22.30 0.83 -4.17
N ASP B 89 21.87 2.07 -3.90
CA ASP B 89 20.54 2.56 -4.33
C ASP B 89 20.58 3.69 -5.36
N LEU B 90 21.55 4.60 -5.28
CA LEU B 90 21.51 5.77 -6.16
C LEU B 90 22.08 5.47 -7.54
N GLY B 91 22.78 4.34 -7.69
CA GLY B 91 23.46 4.00 -8.93
C GLY B 91 24.47 5.03 -9.36
N GLU B 92 24.11 5.78 -10.41
CA GLU B 92 24.99 6.80 -10.96
C GLU B 92 24.87 8.14 -10.23
N GLY B 93 23.80 8.37 -9.48
CA GLY B 93 23.74 9.58 -8.67
C GLY B 93 24.75 9.63 -7.54
N TYR B 94 25.49 8.55 -7.30
CA TYR B 94 26.45 8.48 -6.22
C TYR B 94 27.87 8.70 -6.75
N ASP B 95 28.53 9.74 -6.26
CA ASP B 95 29.89 10.12 -6.68
C ASP B 95 30.82 10.12 -5.47
N PRO B 96 31.76 9.19 -5.37
CA PRO B 96 32.60 9.10 -4.16
C PRO B 96 33.32 10.39 -3.82
N GLN B 97 33.68 11.19 -4.82
CA GLN B 97 34.27 12.51 -4.57
C GLN B 97 33.24 13.44 -3.94
N ARG B 98 32.00 13.39 -4.43
CA ARG B 98 30.93 14.15 -3.82
C ARG B 98 30.74 13.75 -2.36
N PHE B 99 30.74 12.44 -2.08
CA PHE B 99 30.53 11.98 -0.72
C PHE B 99 31.61 12.51 0.23
N ASP B 100 32.87 12.48 -0.21
CA ASP B 100 33.97 12.97 0.64
C ASP B 100 33.84 14.47 0.89
N GLU B 101 33.54 15.25 -0.16
CA GLU B 101 33.34 16.68 0.04
C GLU B 101 32.17 16.92 0.99
N ALA B 102 31.12 16.09 0.88
CA ALA B 102 30.00 16.14 1.81
C ALA B 102 30.49 15.89 3.24
N ILE B 103 31.23 14.79 3.45
CA ILE B 103 31.83 14.53 4.76
C ILE B 103 32.63 15.73 5.24
N ALA B 104 33.44 16.31 4.35
CA ALA B 104 34.30 17.42 4.77
C ALA B 104 33.47 18.66 5.15
N ARG B 105 32.25 18.78 4.62
CA ARG B 105 31.35 19.88 4.99
C ARG B 105 30.59 19.61 6.28
N ILE B 106 30.85 18.51 6.96
CA ILE B 106 30.13 18.17 8.19
C ILE B 106 31.02 18.50 9.36
N THR B 107 30.51 19.32 10.28
CA THR B 107 31.25 19.69 11.48
C THR B 107 30.56 19.08 12.70
N PRO B 108 31.06 17.97 13.25
CA PRO B 108 30.50 17.42 14.48
C PRO B 108 30.84 18.29 15.68
N THR B 109 29.88 18.43 16.61
CA THR B 109 30.07 19.33 17.75
C THR B 109 29.14 18.95 18.91
N SER B 110 29.64 19.10 20.15
CA SER B 110 28.77 19.01 21.32
C SER B 110 28.47 20.37 21.91
N ASP B 111 28.75 21.45 21.19
CA ASP B 111 28.44 22.79 21.64
C ASP B 111 27.21 23.24 20.88
N LEU B 112 26.11 23.40 21.61
CA LEU B 112 24.85 23.85 21.00
C LEU B 112 25.02 25.23 20.41
N GLY B 113 25.55 26.17 21.18
CA GLY B 113 25.75 27.52 20.68
C GLY B 113 26.48 27.56 19.36
N GLU B 114 27.55 26.78 19.24
CA GLU B 114 28.29 26.72 17.97
C GLU B 114 27.43 26.14 16.85
N ALA B 115 26.74 25.03 17.12
CA ALA B 115 25.85 24.43 16.11
C ALA B 115 24.84 25.42 15.58
N LEU B 116 24.32 26.31 16.42
CA LEU B 116 23.23 27.20 16.04
C LEU B 116 23.69 28.55 15.50
N ALA B 117 24.93 28.97 15.79
CA ALA B 117 25.35 30.36 15.65
C ALA B 117 25.04 30.94 14.28
N ASP B 118 25.31 30.17 13.22
CA ASP B 118 25.07 30.64 11.86
C ASP B 118 23.93 29.88 11.17
N ALA B 119 23.10 29.16 11.93
CA ALA B 119 22.16 28.21 11.34
C ALA B 119 21.00 28.93 10.65
N ASP B 120 20.80 28.63 9.37
CA ASP B 120 19.57 29.02 8.69
C ASP B 120 18.40 28.09 9.00
N ILE B 121 18.65 26.81 9.22
CA ILE B 121 17.57 25.88 9.57
C ILE B 121 18.09 24.93 10.64
N VAL B 122 17.25 24.69 11.64
CA VAL B 122 17.50 23.67 12.66
C VAL B 122 16.56 22.51 12.34
N ILE B 123 17.11 21.30 12.32
CA ILE B 123 16.31 20.08 12.12
C ILE B 123 16.54 19.21 13.36
N GLU B 124 15.61 19.24 14.31
CA GLU B 124 15.79 18.47 15.53
C GLU B 124 15.36 17.01 15.28
N ALA B 125 16.25 16.08 15.60
CA ALA B 125 16.01 14.65 15.46
C ALA B 125 16.50 13.91 16.72
N VAL B 126 16.06 14.36 17.88
CA VAL B 126 16.48 13.77 19.15
C VAL B 126 15.42 12.74 19.56
N PRO B 127 15.64 11.97 20.62
CA PRO B 127 14.70 10.88 20.93
C PRO B 127 13.28 11.40 21.14
N GLU B 128 12.33 10.49 20.95
CA GLU B 128 10.90 10.82 20.99
C GLU B 128 10.35 10.80 22.42
N ASN B 129 10.89 11.68 23.25
CA ASN B 129 10.40 11.89 24.60
C ASN B 129 10.04 13.37 24.73
N LEU B 130 8.79 13.65 25.12
CA LEU B 130 8.30 15.03 25.09
C LEU B 130 9.13 15.96 25.98
N GLU B 131 9.44 15.53 27.21
CA GLU B 131 10.20 16.42 28.11
C GLU B 131 11.58 16.73 27.55
N LEU B 132 12.19 15.76 26.87
CA LEU B 132 13.46 16.00 26.22
C LEU B 132 13.33 16.97 25.04
N LYS B 133 12.23 16.87 24.27
CA LYS B 133 12.00 17.83 23.20
C LYS B 133 11.89 19.24 23.74
N ARG B 134 11.08 19.43 24.78
CA ARG B 134 10.83 20.77 25.29
C ARG B 134 12.13 21.41 25.78
N LYS B 135 12.95 20.62 26.47
CA LYS B 135 14.18 21.14 27.04
C LYS B 135 15.18 21.55 25.97
N VAL B 136 15.35 20.71 24.93
CA VAL B 136 16.26 21.06 23.86
C VAL B 136 15.74 22.27 23.08
N TRP B 137 14.44 22.31 22.80
CA TRP B 137 13.93 23.41 22.00
C TRP B 137 13.97 24.74 22.76
N ALA B 138 13.79 24.73 24.09
CA ALA B 138 14.00 25.96 24.85
C ALA B 138 15.42 26.49 24.63
N GLN B 139 16.41 25.60 24.64
CA GLN B 139 17.79 26.03 24.41
C GLN B 139 17.97 26.55 22.99
N VAL B 140 17.34 25.92 22.01
CA VAL B 140 17.51 26.33 20.62
C VAL B 140 16.92 27.70 20.40
N GLY B 141 15.72 27.93 20.93
CA GLY B 141 15.09 29.23 20.80
C GLY B 141 15.88 30.35 21.45
N GLU B 142 16.59 30.04 22.53
CA GLU B 142 17.40 31.02 23.22
C GLU B 142 18.74 31.27 22.54
N LEU B 143 19.24 30.30 21.77
CA LEU B 143 20.58 30.36 21.20
C LEU B 143 20.58 30.68 19.71
N ALA B 144 19.58 30.25 18.98
CA ALA B 144 19.64 30.37 17.53
C ALA B 144 19.24 31.78 17.06
N PRO B 145 19.70 32.18 15.89
CA PRO B 145 19.31 33.50 15.36
C PRO B 145 17.81 33.63 15.16
N ALA B 146 17.34 34.88 15.23
CA ALA B 146 15.91 35.17 15.04
C ALA B 146 15.41 34.81 13.66
N THR B 147 16.28 34.68 12.66
CA THR B 147 15.85 34.36 11.29
C THR B 147 15.94 32.86 10.96
N THR B 148 16.21 32.01 11.95
CA THR B 148 16.42 30.58 11.75
C THR B 148 15.07 29.84 11.66
N LEU B 149 14.93 29.00 10.64
CA LEU B 149 13.75 28.12 10.53
C LEU B 149 13.93 26.94 11.48
N PHE B 150 12.88 26.64 12.25
CA PHE B 150 12.89 25.58 13.26
C PHE B 150 12.06 24.41 12.74
N ALA B 151 12.66 23.22 12.69
CA ALA B 151 11.97 22.05 12.18
C ALA B 151 12.24 20.83 13.06
N THR B 152 11.19 20.04 13.29
CA THR B 152 11.30 18.79 13.99
C THR B 152 10.93 17.64 13.06
N ASN B 153 11.59 16.49 13.26
CA ASN B 153 11.42 15.26 12.49
C ASN B 153 10.55 14.24 13.22
N THR B 154 9.80 14.66 14.23
CA THR B 154 9.15 13.69 15.11
C THR B 154 8.13 12.81 14.37
N SER B 155 8.12 11.52 14.70
CA SER B 155 7.14 10.59 14.20
C SER B 155 6.14 10.10 15.24
N SER B 156 6.38 10.30 16.53
CA SER B 156 5.53 9.71 17.56
C SER B 156 4.86 10.75 18.46
N LEU B 157 5.19 12.03 18.30
CA LEU B 157 4.64 13.12 19.08
C LEU B 157 4.00 14.14 18.15
N LEU B 158 3.06 14.90 18.68
CA LEU B 158 2.50 16.02 17.92
C LEU B 158 3.44 17.22 17.98
N PRO B 159 3.78 17.83 16.85
CA PRO B 159 4.68 19.01 16.91
C PRO B 159 4.14 20.15 17.76
N SER B 160 2.84 20.47 17.67
CA SER B 160 2.28 21.52 18.52
C SER B 160 2.37 21.19 20.01
N ASP B 161 2.78 19.97 20.39
CA ASP B 161 2.89 19.67 21.81
C ASP B 161 4.18 20.20 22.43
N PHE B 162 5.14 20.61 21.61
CA PHE B 162 6.37 21.21 22.12
C PHE B 162 6.82 22.40 21.29
N ALA B 163 5.99 22.86 20.35
CA ALA B 163 6.33 24.04 19.56
C ALA B 163 6.51 25.28 20.44
N ASP B 164 5.69 25.41 21.49
CA ASP B 164 5.77 26.55 22.39
C ASP B 164 7.09 26.58 23.17
N ALA B 165 7.73 25.42 23.39
CA ALA B 165 8.99 25.42 24.10
C ALA B 165 10.08 26.14 23.32
N SER B 166 9.94 26.26 22.00
CA SER B 166 10.95 26.95 21.22
C SER B 166 10.92 28.46 21.44
N GLY B 167 9.80 28.99 21.90
CA GLY B 167 9.64 30.43 22.04
C GLY B 167 9.16 31.13 20.78
N HIS B 168 9.08 30.43 19.65
CA HIS B 168 8.73 31.04 18.36
C HIS B 168 7.95 30.07 17.51
N PRO B 169 6.68 29.83 17.85
CA PRO B 169 5.90 28.83 17.13
C PRO B 169 5.54 29.25 15.72
N GLU B 170 5.57 30.55 15.43
CA GLU B 170 5.32 30.99 14.04
C GLU B 170 6.38 30.45 13.07
N ARG B 171 7.61 30.18 13.55
CA ARG B 171 8.71 29.68 12.73
C ARG B 171 8.96 28.21 12.94
N PHE B 172 7.98 27.50 13.51
CA PHE B 172 8.18 26.13 13.99
C PHE B 172 7.23 25.20 13.23
N LEU B 173 7.80 24.20 12.59
CA LEU B 173 7.01 23.21 11.87
C LEU B 173 7.69 21.86 12.02
N ALA B 174 7.05 20.83 11.45
CA ALA B 174 7.64 19.50 11.34
C ALA B 174 8.09 19.28 9.91
N LEU B 175 9.27 18.66 9.77
CA LEU B 175 9.82 18.25 8.49
C LEU B 175 10.14 16.76 8.59
N HIS B 176 9.30 15.93 7.98
CA HIS B 176 9.27 14.50 8.30
C HIS B 176 9.87 13.66 7.19
N TYR B 177 10.75 12.76 7.57
CA TYR B 177 11.48 11.90 6.66
C TYR B 177 10.97 10.48 6.75
N ALA B 178 11.46 9.62 5.86
CA ALA B 178 11.27 8.18 6.00
C ALA B 178 12.62 7.55 6.31
N ASN B 179 12.78 6.25 6.04
CA ASN B 179 14.06 5.60 6.31
C ASN B 179 14.83 5.42 5.00
N ARG B 180 16.15 5.35 5.11
CA ARG B 180 17.04 5.35 3.95
C ARG B 180 16.67 6.49 3.01
N ILE B 181 16.75 7.71 3.54
CA ILE B 181 16.11 8.86 2.91
C ILE B 181 16.73 9.16 1.56
N TRP B 182 17.95 8.69 1.30
CA TRP B 182 18.54 8.89 -0.02
C TRP B 182 17.69 8.21 -1.10
N ALA B 183 17.23 6.99 -0.82
CA ALA B 183 16.39 6.26 -1.76
C ALA B 183 14.94 6.71 -1.67
N GLN B 184 14.35 6.61 -0.46
CA GLN B 184 12.96 7.03 -0.25
C GLN B 184 12.94 8.46 0.24
N ASN B 185 13.11 9.37 -0.71
CA ASN B 185 13.36 10.78 -0.43
C ASN B 185 12.06 11.59 -0.42
N THR B 186 11.12 11.17 0.44
CA THR B 186 10.00 12.04 0.78
C THR B 186 10.41 13.03 1.85
N ALA B 187 9.91 14.25 1.74
CA ALA B 187 9.94 15.19 2.85
C ALA B 187 8.55 15.76 3.04
N GLU B 188 7.95 15.50 4.19
CA GLU B 188 6.60 15.96 4.49
C GLU B 188 6.67 17.14 5.44
N VAL B 189 6.19 18.29 4.98
CA VAL B 189 6.26 19.52 5.73
C VAL B 189 4.89 19.77 6.33
N MET B 190 4.82 19.81 7.66
CA MET B 190 3.57 19.93 8.39
C MET B 190 3.73 21.03 9.43
N GLY B 191 3.01 22.13 9.22
CA GLY B 191 2.95 23.16 10.24
C GLY B 191 1.91 22.85 11.31
N THR B 192 2.00 23.60 12.41
CA THR B 192 0.94 23.65 13.39
C THR B 192 -0.03 24.77 13.01
N ALA B 193 -1.04 24.98 13.84
CA ALA B 193 -1.96 26.08 13.63
C ALA B 193 -1.23 27.43 13.63
N ALA B 194 -0.09 27.49 14.31
CA ALA B 194 0.66 28.74 14.45
C ALA B 194 1.66 28.99 13.33
N THR B 195 2.04 27.97 12.57
CA THR B 195 3.15 28.08 11.64
C THR B 195 2.81 29.05 10.50
N SER B 196 3.72 29.98 10.23
CA SER B 196 3.50 30.96 9.19
C SER B 196 3.66 30.32 7.82
N PRO B 197 3.00 30.87 6.80
CA PRO B 197 3.18 30.32 5.43
C PRO B 197 4.60 30.47 4.91
N GLU B 198 5.28 31.55 5.27
CA GLU B 198 6.68 31.69 4.88
C GLU B 198 7.52 30.54 5.41
N ALA B 199 7.29 30.18 6.67
CA ALA B 199 8.01 29.05 7.24
C ALA B 199 7.72 27.75 6.46
N VAL B 200 6.44 27.48 6.17
CA VAL B 200 6.10 26.29 5.38
C VAL B 200 6.85 26.31 4.04
N ALA B 201 6.81 27.45 3.35
CA ALA B 201 7.49 27.56 2.05
C ALA B 201 8.99 27.33 2.20
N GLY B 202 9.60 27.96 3.20
CA GLY B 202 11.03 27.77 3.42
C GLY B 202 11.41 26.32 3.63
N ALA B 203 10.61 25.57 4.41
CA ALA B 203 10.95 24.17 4.66
C ALA B 203 10.79 23.34 3.40
N LEU B 204 9.77 23.65 2.60
CA LEU B 204 9.59 22.97 1.32
C LEU B 204 10.73 23.32 0.37
N GLN B 205 11.20 24.57 0.40
CA GLN B 205 12.36 24.94 -0.39
C GLN B 205 13.61 24.18 0.07
N PHE B 206 13.80 24.08 1.38
CA PHE B 206 14.95 23.33 1.88
C PHE B 206 14.91 21.89 1.39
N ALA B 207 13.73 21.26 1.45
CA ALA B 207 13.61 19.88 0.98
C ALA B 207 13.94 19.77 -0.50
N GLU B 208 13.48 20.74 -1.30
CA GLU B 208 13.77 20.71 -2.74
C GLU B 208 15.28 20.82 -2.99
N GLU B 209 15.96 21.71 -2.25
CA GLU B 209 17.40 21.91 -2.39
C GLU B 209 18.21 20.72 -1.88
N THR B 210 17.62 19.81 -1.12
CA THR B 210 18.37 18.67 -0.58
C THR B 210 17.96 17.35 -1.24
N GLY B 211 17.51 17.40 -2.50
CA GLY B 211 17.22 16.20 -3.25
C GLY B 211 15.98 15.43 -2.83
N MET B 212 15.01 16.09 -2.21
CA MET B 212 13.82 15.45 -1.67
C MET B 212 12.61 15.76 -2.54
N VAL B 213 11.57 14.94 -2.41
CA VAL B 213 10.25 15.20 -2.97
C VAL B 213 9.41 15.88 -1.90
N PRO B 214 9.22 17.20 -1.93
CA PRO B 214 8.51 17.86 -0.83
C PRO B 214 7.01 17.86 -1.04
N VAL B 215 6.28 17.60 0.05
CA VAL B 215 4.83 17.69 0.06
C VAL B 215 4.42 18.42 1.33
N HIS B 216 3.31 19.16 1.22
CA HIS B 216 2.80 20.00 2.29
C HIS B 216 1.60 19.31 2.92
N VAL B 217 1.78 18.83 4.15
CA VAL B 217 0.69 18.34 4.99
C VAL B 217 -0.04 19.58 5.54
N ARG B 218 -1.28 19.82 5.07
CA ARG B 218 -1.97 21.10 5.27
C ARG B 218 -2.62 21.23 6.63
N LYS B 219 -2.92 20.11 7.30
CA LYS B 219 -3.40 20.15 8.67
C LYS B 219 -2.44 19.33 9.49
N GLU B 220 -2.32 19.69 10.76
CA GLU B 220 -1.48 18.93 11.67
C GLU B 220 -2.20 17.65 12.07
N ILE B 221 -1.61 16.51 11.71
CA ILE B 221 -2.14 15.21 12.09
C ILE B 221 -0.98 14.33 12.54
N PRO B 222 -1.26 13.31 13.36
CA PRO B 222 -0.16 12.46 13.88
C PRO B 222 0.69 11.78 12.82
N GLY B 223 0.08 11.18 11.81
CA GLY B 223 0.80 10.32 10.89
C GLY B 223 1.21 10.94 9.58
N TYR B 224 1.14 12.27 9.44
CA TYR B 224 1.45 12.97 8.18
C TYR B 224 0.72 12.31 7.02
N PHE B 225 1.32 12.24 5.84
CA PHE B 225 0.75 11.38 4.81
C PHE B 225 1.28 9.95 4.94
N LEU B 226 2.59 9.81 5.09
CA LEU B 226 3.22 8.49 4.94
C LEU B 226 2.75 7.54 6.02
N ASN B 227 2.86 7.96 7.28
CA ASN B 227 2.51 7.05 8.37
C ASN B 227 1.01 6.86 8.52
N SER B 228 0.19 7.81 8.03
CA SER B 228 -1.26 7.60 8.09
C SER B 228 -1.69 6.48 7.16
N LEU B 229 -1.03 6.34 6.00
CA LEU B 229 -1.24 5.20 5.12
C LEU B 229 -0.57 3.93 5.61
N LEU B 230 0.65 4.06 6.17
CA LEU B 230 1.51 2.89 6.41
C LEU B 230 1.05 2.08 7.61
N ILE B 231 0.71 2.75 8.70
CA ILE B 231 0.37 2.04 9.93
C ILE B 231 -0.82 1.09 9.74
N PRO B 232 -1.97 1.54 9.19
CA PRO B 232 -3.06 0.58 8.98
C PRO B 232 -2.69 -0.56 8.04
N TRP B 233 -1.93 -0.26 6.99
CA TRP B 233 -1.53 -1.25 5.99
C TRP B 233 -0.60 -2.30 6.60
N LEU B 234 0.46 -1.86 7.27
CA LEU B 234 1.38 -2.78 7.95
C LEU B 234 0.66 -3.58 9.03
N GLN B 235 -0.16 -2.91 9.83
CA GLN B 235 -0.91 -3.61 10.87
C GLN B 235 -1.72 -4.76 10.27
N ALA B 236 -2.51 -4.47 9.24
CA ALA B 236 -3.32 -5.52 8.62
C ALA B 236 -2.44 -6.63 8.07
N GLY B 237 -1.32 -6.28 7.42
CA GLY B 237 -0.43 -7.31 6.91
C GLY B 237 0.06 -8.23 8.01
N SER B 238 0.59 -7.66 9.10
CA SER B 238 1.12 -8.49 10.18
C SER B 238 0.02 -9.23 10.91
N LYS B 239 -1.21 -8.69 10.92
CA LYS B 239 -2.31 -9.41 11.56
C LYS B 239 -2.64 -10.69 10.80
N LEU B 240 -2.62 -10.63 9.47
CA LEU B 240 -2.88 -11.83 8.68
C LEU B 240 -1.81 -12.89 8.92
N TYR B 241 -0.56 -12.46 9.08
CA TYR B 241 0.49 -13.42 9.34
C TYR B 241 0.39 -14.00 10.75
N MET B 242 0.26 -13.13 11.76
CA MET B 242 0.21 -13.60 13.14
C MET B 242 -1.00 -14.48 13.41
N HIS B 243 -2.09 -14.30 12.68
CA HIS B 243 -3.25 -15.15 12.85
C HIS B 243 -3.22 -16.39 11.95
N GLY B 244 -2.10 -16.63 11.28
CA GLY B 244 -1.96 -17.84 10.50
C GLY B 244 -2.76 -17.85 9.23
N VAL B 245 -3.02 -16.68 8.64
CA VAL B 245 -3.80 -16.66 7.42
C VAL B 245 -2.92 -16.81 6.18
N GLY B 246 -1.65 -16.43 6.25
CA GLY B 246 -0.75 -16.67 5.14
C GLY B 246 0.68 -16.34 5.50
N ASN B 247 1.58 -16.65 4.54
CA ASN B 247 2.99 -16.34 4.70
C ASN B 247 3.31 -14.94 4.21
N PRO B 248 4.36 -14.33 4.77
CA PRO B 248 4.77 -12.99 4.28
C PRO B 248 4.86 -12.88 2.77
N ALA B 249 5.47 -13.86 2.10
CA ALA B 249 5.57 -13.81 0.65
C ALA B 249 4.20 -13.89 -0.02
N ASP B 250 3.27 -14.64 0.55
CA ASP B 250 1.94 -14.72 -0.07
C ASP B 250 1.23 -13.37 0.02
N ILE B 251 1.29 -12.73 1.19
CA ILE B 251 0.64 -11.44 1.38
C ILE B 251 1.28 -10.40 0.46
N ASP B 252 2.61 -10.36 0.42
CA ASP B 252 3.26 -9.36 -0.43
C ASP B 252 2.96 -9.60 -1.91
N ARG B 253 2.98 -10.85 -2.35
CA ARG B 253 2.73 -11.16 -3.76
C ARG B 253 1.32 -10.76 -4.15
N THR B 254 0.33 -11.15 -3.35
CA THR B 254 -1.04 -10.70 -3.61
C THR B 254 -1.11 -9.18 -3.74
N TRP B 255 -0.46 -8.46 -2.83
CA TRP B 255 -0.49 -7.01 -2.87
C TRP B 255 0.14 -6.49 -4.15
N ARG B 256 1.34 -6.99 -4.48
CA ARG B 256 2.04 -6.55 -5.69
C ARG B 256 1.19 -6.79 -6.93
N VAL B 257 0.71 -8.01 -7.11
CA VAL B 257 0.03 -8.35 -8.36
C VAL B 257 -1.32 -7.63 -8.46
N ALA B 258 -2.09 -7.61 -7.38
CA ALA B 258 -3.43 -7.04 -7.48
C ALA B 258 -3.40 -5.52 -7.57
N THR B 259 -2.38 -4.85 -7.02
CA THR B 259 -2.37 -3.39 -7.10
C THR B 259 -1.34 -2.87 -8.08
N GLY B 260 -0.57 -3.76 -8.70
CA GLY B 260 0.50 -3.33 -9.58
C GLY B 260 1.66 -2.68 -8.88
N ASN B 261 1.87 -2.98 -7.61
CA ASN B 261 2.94 -2.36 -6.85
C ASN B 261 4.14 -3.30 -6.78
N GLU B 262 5.27 -2.76 -6.31
CA GLU B 262 6.53 -3.50 -6.30
C GLU B 262 6.90 -4.03 -4.93
N ARG B 263 6.34 -3.48 -3.86
CA ARG B 263 6.75 -3.82 -2.51
C ARG B 263 5.51 -3.92 -1.66
N GLY B 264 5.32 -5.07 -1.02
CA GLY B 264 4.22 -5.27 -0.13
C GLY B 264 4.60 -5.01 1.31
N PRO B 265 3.74 -5.40 2.23
CA PRO B 265 3.98 -5.07 3.64
C PRO B 265 5.28 -5.61 4.18
N PHE B 266 5.65 -6.85 3.88
CA PHE B 266 6.81 -7.42 4.54
C PHE B 266 8.10 -7.00 3.85
N GLN B 267 8.06 -6.76 2.54
CA GLN B 267 9.18 -6.04 1.95
C GLN B 267 9.33 -4.66 2.56
N THR B 268 8.20 -4.06 2.99
CA THR B 268 8.28 -2.72 3.56
C THR B 268 8.82 -2.76 4.98
N TYR B 269 8.39 -3.73 5.80
CA TYR B 269 9.00 -3.97 7.10
C TYR B 269 10.52 -4.04 7.00
N ASP B 270 11.02 -4.75 5.97
CA ASP B 270 12.47 -4.91 5.85
C ASP B 270 13.17 -3.57 5.69
N ILE B 271 12.51 -2.62 5.02
CA ILE B 271 13.13 -1.33 4.78
C ILE B 271 12.99 -0.42 6.01
N VAL B 272 11.82 -0.46 6.65
CA VAL B 272 11.63 0.27 7.89
C VAL B 272 12.61 -0.23 8.94
N GLY B 273 12.95 -1.52 8.89
CA GLY B 273 13.85 -2.10 9.86
C GLY B 273 13.10 -2.64 11.05
N PHE B 274 13.61 -3.73 11.62
CA PHE B 274 12.89 -4.44 12.66
C PHE B 274 12.85 -3.66 13.99
N HIS B 275 13.91 -2.89 14.30
CA HIS B 275 13.94 -2.17 15.58
C HIS B 275 12.73 -1.22 15.70
N VAL B 276 12.54 -0.37 14.70
CA VAL B 276 11.41 0.55 14.70
C VAL B 276 10.10 -0.21 14.62
N ALA B 277 10.06 -1.31 13.86
CA ALA B 277 8.83 -2.07 13.76
C ALA B 277 8.46 -2.76 15.07
N ALA B 278 9.47 -3.28 15.79
CA ALA B 278 9.20 -3.93 17.06
C ALA B 278 8.59 -2.96 18.06
N ASN B 279 9.20 -1.78 18.21
CA ASN B 279 8.71 -0.78 19.14
C ASN B 279 7.26 -0.43 18.86
N VAL B 280 6.98 0.02 17.64
CA VAL B 280 5.60 0.29 17.22
C VAL B 280 4.69 -0.84 17.63
N SER B 281 5.03 -2.07 17.21
CA SER B 281 4.21 -3.23 17.55
C SER B 281 4.09 -3.41 19.06
N ARG B 282 5.16 -3.14 19.80
CA ARG B 282 5.07 -3.27 21.25
C ARG B 282 4.22 -2.18 21.85
N ASN B 283 4.28 -0.97 21.30
CA ASN B 283 3.56 0.15 21.89
C ASN B 283 2.05 0.05 21.70
N THR B 284 1.56 -0.91 20.92
CA THR B 284 0.13 -1.05 20.70
C THR B 284 -0.59 -1.62 21.91
N GLY B 285 0.09 -2.46 22.71
CA GLY B 285 -0.56 -3.15 23.80
C GLY B 285 -1.30 -4.42 23.41
N VAL B 286 -1.52 -4.64 22.11
CA VAL B 286 -2.29 -5.79 21.64
C VAL B 286 -1.43 -7.05 21.67
N ASP B 287 -1.99 -8.15 22.18
CA ASP B 287 -1.19 -9.36 22.38
C ASP B 287 -0.55 -9.82 21.08
N TRP B 288 -1.36 -9.96 20.02
CA TRP B 288 -0.84 -10.53 18.79
C TRP B 288 0.26 -9.67 18.20
N GLN B 289 0.18 -8.34 18.40
CA GLN B 289 1.27 -7.47 17.96
C GLN B 289 2.48 -7.57 18.88
N LEU B 290 2.27 -7.94 20.15
CA LEU B 290 3.43 -8.20 20.99
C LEU B 290 4.12 -9.47 20.53
N GLY B 291 3.34 -10.50 20.15
CA GLY B 291 3.96 -11.67 19.55
C GLY B 291 4.77 -11.33 18.32
N PHE B 292 4.20 -10.51 17.43
CA PHE B 292 4.93 -10.08 16.23
C PHE B 292 6.26 -9.43 16.62
N ALA B 293 6.22 -8.52 17.60
CA ALA B 293 7.45 -7.86 18.03
C ALA B 293 8.48 -8.87 18.53
N GLU B 294 8.04 -9.86 19.32
CA GLU B 294 8.95 -10.90 19.80
C GLU B 294 9.63 -11.63 18.65
N LEU B 295 8.87 -11.97 17.60
CA LEU B 295 9.50 -12.63 16.45
C LEU B 295 10.49 -11.70 15.77
N LEU B 296 10.17 -10.41 15.68
CA LEU B 296 11.13 -9.49 15.09
C LEU B 296 12.38 -9.38 15.94
N GLU B 297 12.25 -9.46 17.26
CA GLU B 297 13.41 -9.30 18.11
C GLU B 297 14.30 -10.54 18.07
N LYS B 298 13.67 -11.72 18.04
CA LYS B 298 14.44 -12.94 17.85
C LYS B 298 15.28 -12.85 16.58
N SER B 299 14.73 -12.25 15.53
CA SER B 299 15.45 -12.11 14.27
C SER B 299 16.48 -10.98 14.32
N ILE B 300 16.22 -9.95 15.12
CA ILE B 300 17.29 -9.01 15.42
C ILE B 300 18.45 -9.74 16.10
N ALA B 301 18.14 -10.62 17.05
CA ALA B 301 19.18 -11.37 17.76
C ALA B 301 20.04 -12.20 16.82
N GLU B 302 19.46 -12.73 15.73
CA GLU B 302 20.21 -13.53 14.78
C GLU B 302 20.94 -12.68 13.74
N GLY B 303 20.95 -11.37 13.91
CA GLY B 303 21.59 -10.51 12.94
C GLY B 303 20.75 -10.17 11.72
N HIS B 304 19.44 -10.38 11.78
CA HIS B 304 18.54 -10.23 10.63
C HIS B 304 17.45 -9.21 10.98
N SER B 305 17.77 -7.93 10.82
CA SER B 305 16.84 -6.86 11.17
C SER B 305 16.31 -6.11 9.95
N GLY B 306 16.58 -6.59 8.76
CA GLY B 306 16.08 -5.82 7.65
C GLY B 306 17.10 -5.74 6.56
N VAL B 307 16.84 -4.84 5.62
CA VAL B 307 17.68 -4.71 4.44
C VAL B 307 19.09 -4.22 4.79
N ALA B 308 19.25 -3.54 5.94
CA ALA B 308 20.55 -3.06 6.41
C ALA B 308 21.46 -4.20 6.85
N ASP B 309 20.89 -5.35 7.23
CA ASP B 309 21.65 -6.57 7.52
C ASP B 309 21.70 -7.53 6.35
N GLY B 310 21.06 -7.20 5.23
CA GLY B 310 20.93 -8.12 4.12
C GLY B 310 19.90 -9.23 4.29
N GLN B 311 19.16 -9.24 5.41
CA GLN B 311 18.16 -10.26 5.63
C GLN B 311 17.11 -9.73 6.61
N GLY B 312 15.84 -9.96 6.28
CA GLY B 312 14.78 -9.88 7.28
C GLY B 312 13.69 -10.86 6.96
N PHE B 313 12.64 -10.35 6.32
CA PHE B 313 11.63 -11.23 5.74
C PHE B 313 12.10 -11.76 4.40
N TYR B 314 12.99 -11.03 3.74
CA TYR B 314 13.59 -11.46 2.50
C TYR B 314 15.10 -11.46 2.61
N ARG B 315 15.74 -12.20 1.72
CA ARG B 315 17.19 -12.23 1.63
C ARG B 315 17.61 -11.19 0.60
N TYR B 316 18.67 -10.46 0.92
CA TYR B 316 19.17 -9.40 0.06
C TYR B 316 20.66 -9.59 -0.18
N GLY B 317 21.10 -9.19 -1.37
CA GLY B 317 22.50 -9.21 -1.67
C GLY B 317 23.20 -7.92 -1.25
N PRO B 318 24.37 -7.66 -1.86
CA PRO B 318 25.10 -6.41 -1.58
C PRO B 318 24.57 -5.23 -2.35
N ASP B 319 23.87 -5.48 -3.45
CA ASP B 319 23.14 -4.53 -4.29
C ASP B 319 21.84 -4.07 -3.66
N GLY B 320 21.37 -4.72 -2.60
CA GLY B 320 20.03 -4.55 -2.10
C GLY B 320 18.98 -5.32 -2.88
N GLU B 321 19.37 -6.18 -3.81
CA GLU B 321 18.40 -6.92 -4.59
C GLU B 321 17.77 -8.01 -3.74
N ASN B 322 16.48 -8.26 -4.00
CA ASN B 322 15.74 -9.31 -3.31
C ASN B 322 16.13 -10.66 -3.89
N LEU B 323 16.66 -11.55 -3.05
CA LEU B 323 17.04 -12.90 -3.47
C LEU B 323 16.00 -13.94 -3.06
N GLY B 324 14.90 -13.52 -2.46
CA GLY B 324 13.80 -14.41 -2.20
C GLY B 324 13.42 -14.39 -0.73
N PRO B 325 12.29 -15.01 -0.39
CA PRO B 325 11.83 -14.96 1.00
C PRO B 325 12.64 -15.88 1.90
N VAL B 326 12.76 -15.49 3.17
CA VAL B 326 13.33 -16.32 4.23
C VAL B 326 12.26 -17.32 4.66
N GLU B 327 12.48 -18.61 4.39
CA GLU B 327 11.45 -19.61 4.64
C GLU B 327 11.17 -19.85 6.11
N ASP B 328 12.05 -19.43 7.03
CA ASP B 328 11.82 -19.78 8.43
C ASP B 328 10.63 -19.03 9.01
N TRP B 329 10.21 -17.95 8.35
CA TRP B 329 8.98 -17.29 8.75
C TRP B 329 7.74 -18.09 8.39
N ASN B 330 7.80 -18.92 7.36
CA ASN B 330 6.60 -19.55 6.82
C ASN B 330 5.92 -20.39 7.88
N LEU B 331 4.59 -20.47 7.76
CA LEU B 331 3.79 -21.15 8.77
C LEU B 331 4.02 -22.66 8.79
N GLY B 332 4.39 -23.25 7.65
CA GLY B 332 4.37 -24.70 7.54
C GLY B 332 2.96 -25.20 7.72
N ASP B 333 2.73 -26.12 8.66
CA ASP B 333 1.37 -26.54 8.96
C ASP B 333 0.96 -26.15 10.37
N LYS B 334 1.71 -25.25 11.02
CA LYS B 334 1.32 -24.71 12.31
C LYS B 334 0.16 -23.73 12.16
N ASP B 335 -0.69 -23.69 13.19
CA ASP B 335 -1.87 -22.83 13.10
C ASP B 335 -1.47 -21.36 12.93
N THR B 336 -0.58 -20.86 13.77
CA THR B 336 -0.10 -19.48 13.77
C THR B 336 1.41 -19.49 13.89
N PRO B 337 2.09 -18.36 13.66
CA PRO B 337 3.56 -18.37 13.77
C PRO B 337 4.07 -18.79 15.16
N LEU B 338 3.23 -18.70 16.19
CA LEU B 338 3.58 -19.10 17.54
C LEU B 338 3.19 -20.53 17.85
N GLY B 339 2.18 -21.07 17.17
CA GLY B 339 1.70 -22.40 17.43
C GLY B 339 1.59 -23.24 16.18
#